data_3IQI
#
_entry.id   3IQI
#
_cell.length_a   112.264
_cell.length_b   112.264
_cell.length_c   45.835
_cell.angle_alpha   90.00
_cell.angle_beta   90.00
_cell.angle_gamma   90.00
#
_symmetry.space_group_name_H-M   'I 41'
#
loop_
_entity.id
_entity.type
_entity.pdbx_description
1 polymer 'Cysteine synthase'
2 polymer MNENI
3 water water
#
loop_
_entity_poly.entity_id
_entity_poly.type
_entity_poly.pdbx_seq_one_letter_code
_entity_poly.pdbx_strand_id
1 'polypeptide(L)'
;MAIYADNSYSIGNTPLVRLKHFGHNGNVVVKIEGRNPSYSV(LLP)CRIGANMVWQAEKDGTLTKGKEIVDATSGNTGIA
LAYVAAARGYKITLTMPETMSLERKRLLCGLGVNLVLTEGAKGMKGAIAKAEEIVASDPSRYVMLKQFENPANPQIHRET
TGPEIWKDTDGKVDVVVAGVGTGGSITGISRAIKLDFGKQITSVAVEPVESPVISQTLAGEEVKPGPHKIQGIGAGFIPK
NLDLSIIDRVETVDSDTALATARRLMAEEGILAGISSGAAVAAADRLAKLPEFADKLIVVILPSASERYLSTALFEGIEG
;
X
2 'polypeptide(L)' MNENI P
#
# COMPACT_ATOMS: atom_id res chain seq x y z
N ALA A 2 -9.61 11.20 -21.50
CA ALA A 2 -10.37 10.13 -22.22
C ALA A 2 -11.48 9.51 -21.36
N ILE A 3 -12.11 8.47 -21.91
CA ILE A 3 -13.14 7.73 -21.20
C ILE A 3 -12.62 6.33 -20.91
N TYR A 4 -12.54 5.98 -19.63
CA TYR A 4 -12.00 4.69 -19.25
C TYR A 4 -13.01 3.59 -19.52
N ALA A 5 -12.54 2.48 -20.09
CA ALA A 5 -13.45 1.40 -20.48
C ALA A 5 -14.14 0.71 -19.30
N ASP A 6 -13.44 0.70 -18.15
CA ASP A 6 -14.01 0.26 -16.88
C ASP A 6 -13.19 0.93 -15.76
N ASN A 7 -13.65 0.82 -14.53
CA ASN A 7 -13.04 1.58 -13.42
C ASN A 7 -11.58 1.20 -13.17
N SER A 8 -11.20 -0.01 -13.55
CA SER A 8 -9.80 -0.43 -13.35
C SER A 8 -8.82 0.44 -14.14
N TYR A 9 -9.20 0.90 -15.33
CA TYR A 9 -8.29 1.69 -16.14
C TYR A 9 -8.05 3.09 -15.58
N SER A 10 -8.91 3.51 -14.64
CA SER A 10 -8.88 4.90 -14.13
C SER A 10 -7.87 5.12 -13.00
N ILE A 11 -7.12 4.07 -12.69
CA ILE A 11 -6.15 4.13 -11.59
C ILE A 11 -5.16 5.28 -11.71
N GLY A 12 -4.73 5.78 -10.55
CA GLY A 12 -3.54 6.65 -10.52
C GLY A 12 -3.79 8.09 -10.91
N ASN A 13 -2.75 8.75 -11.41
CA ASN A 13 -2.76 10.18 -11.71
C ASN A 13 -3.16 11.00 -10.48
N THR A 14 -2.56 10.62 -9.36
CA THR A 14 -2.87 11.20 -8.05
C THR A 14 -2.05 12.48 -7.83
N PRO A 15 -2.62 13.45 -7.10
CA PRO A 15 -1.96 14.75 -7.03
C PRO A 15 -0.86 14.85 -5.96
N LEU A 16 0.04 15.80 -6.18
CA LEU A 16 1.07 16.18 -5.21
C LEU A 16 0.64 17.49 -4.53
N VAL A 17 0.70 17.51 -3.21
CA VAL A 17 0.32 18.69 -2.44
C VAL A 17 1.48 19.06 -1.49
N ARG A 18 1.87 20.34 -1.51
CA ARG A 18 2.95 20.82 -0.65
C ARG A 18 2.45 21.04 0.78
N LEU A 19 3.19 20.57 1.78
CA LEU A 19 2.79 20.74 3.17
C LEU A 19 3.27 22.07 3.69
N LYS A 20 2.44 22.68 4.54
CA LYS A 20 2.78 23.97 5.14
C LYS A 20 3.28 23.88 6.58
N HIS A 21 2.79 22.90 7.33
CA HIS A 21 3.11 22.76 8.77
C HIS A 21 4.07 21.62 9.08
N PHE A 22 4.63 21.09 8.00
CA PHE A 22 5.65 20.06 8.05
C PHE A 22 6.78 20.49 7.14
N GLY A 23 7.95 19.94 7.40
CA GLY A 23 9.14 20.24 6.61
C GLY A 23 9.74 21.61 6.89
N HIS A 24 10.70 21.97 6.06
CA HIS A 24 11.40 23.22 6.19
C HIS A 24 11.35 23.94 4.85
N ASN A 25 10.74 25.12 4.84
CA ASN A 25 10.60 25.91 3.60
C ASN A 25 9.98 25.13 2.43
N GLY A 26 8.94 24.36 2.77
CA GLY A 26 8.14 23.67 1.77
C GLY A 26 8.81 22.47 1.12
N ASN A 27 9.79 21.86 1.80
CA ASN A 27 10.53 20.72 1.21
C ASN A 27 9.81 19.36 1.29
N VAL A 28 8.61 19.34 1.87
CA VAL A 28 7.86 18.10 1.95
C VAL A 28 6.57 18.22 1.12
N VAL A 29 6.43 17.30 0.18
CA VAL A 29 5.28 17.22 -0.72
CA VAL A 29 5.21 17.24 -0.63
C VAL A 29 4.67 15.82 -0.59
N VAL A 30 3.35 15.73 -0.64
CA VAL A 30 2.69 14.44 -0.44
C VAL A 30 1.89 14.04 -1.67
N LYS A 31 1.89 12.74 -1.95
CA LYS A 31 1.17 12.15 -3.08
C LYS A 31 -0.07 11.43 -2.52
N ILE A 32 -1.24 11.89 -2.94
CA ILE A 32 -2.54 11.51 -2.34
CA ILE A 32 -2.49 11.46 -2.29
C ILE A 32 -3.12 10.25 -2.97
N GLU A 33 -2.73 9.08 -2.47
CA GLU A 33 -3.17 7.81 -3.10
C GLU A 33 -4.63 7.43 -2.74
N GLY A 34 -5.23 8.19 -1.81
CA GLY A 34 -6.66 8.04 -1.54
C GLY A 34 -7.53 8.38 -2.76
N ARG A 35 -6.98 9.18 -3.69
CA ARG A 35 -7.74 9.53 -4.90
C ARG A 35 -7.56 8.48 -6.01
N ASN A 36 -8.29 7.39 -5.84
CA ASN A 36 -8.19 6.20 -6.69
C ASN A 36 -9.55 5.50 -6.74
N PRO A 37 -9.75 4.56 -7.70
CA PRO A 37 -11.10 3.95 -7.86
C PRO A 37 -11.73 3.37 -6.60
N SER A 38 -10.95 2.70 -5.76
CA SER A 38 -11.44 2.24 -4.45
C SER A 38 -10.66 2.87 -3.29
N TYR A 39 -10.09 4.04 -3.56
CA TYR A 39 -9.67 4.99 -2.53
C TYR A 39 -8.42 4.58 -1.72
N SER A 40 -7.55 3.82 -2.35
CA SER A 40 -6.22 3.57 -1.77
C SER A 40 -5.17 3.30 -2.86
N VAL A 41 -3.92 3.26 -2.44
CA VAL A 41 -2.80 2.91 -3.34
C VAL A 41 -3.00 1.52 -3.97
N1 LLP A 42 -0.40 1.87 3.82
C2 LLP A 42 -1.58 1.29 3.42
C2' LLP A 42 -2.85 1.82 4.01
C3 LLP A 42 -1.59 0.22 2.51
O3 LLP A 42 -2.68 -0.27 2.17
C4 LLP A 42 -0.37 -0.24 2.00
C4' LLP A 42 -0.29 -1.38 1.01
C5 LLP A 42 0.84 0.38 2.42
C6 LLP A 42 0.82 1.44 3.32
C5' LLP A 42 2.17 -0.08 1.93
OP4 LLP A 42 2.39 -0.02 0.49
P LLP A 42 3.22 -1.20 -0.23
OP1 LLP A 42 3.29 -0.77 -1.65
OP2 LLP A 42 4.52 -1.31 0.47
OP3 LLP A 42 2.44 -2.45 -0.05
N LLP A 42 -3.66 0.63 -3.23
CA LLP A 42 -3.83 -0.78 -3.68
CB LLP A 42 -4.43 -1.64 -2.56
CG LLP A 42 -3.52 -1.78 -1.33
CD LLP A 42 -2.12 -2.25 -1.72
CE LLP A 42 -1.37 -2.80 -0.52
NZ LLP A 42 -1.47 -1.89 0.65
C LLP A 42 -4.64 -0.92 -4.95
O LLP A 42 -4.54 -1.93 -5.64
N CYS A 43 -5.47 0.08 -5.28
CA CYS A 43 -6.21 0.08 -6.54
CA CYS A 43 -6.23 0.04 -6.53
C CYS A 43 -5.29 -0.20 -7.73
N ARG A 44 -4.07 0.36 -7.68
CA ARG A 44 -3.11 0.20 -8.77
C ARG A 44 -2.70 -1.25 -8.95
N ILE A 45 -2.42 -1.92 -7.83
CA ILE A 45 -1.96 -3.31 -7.87
C ILE A 45 -3.12 -4.29 -8.04
N GLY A 46 -4.31 -3.95 -7.55
CA GLY A 46 -5.49 -4.78 -7.83
C GLY A 46 -5.72 -4.81 -9.32
N ALA A 47 -5.66 -3.64 -9.95
CA ALA A 47 -5.78 -3.56 -11.41
C ALA A 47 -4.68 -4.33 -12.12
N ASN A 48 -3.42 -4.05 -11.81
CA ASN A 48 -2.33 -4.66 -12.59
C ASN A 48 -2.15 -6.16 -12.37
N MET A 49 -2.38 -6.64 -11.15
CA MET A 49 -2.30 -8.10 -10.92
C MET A 49 -3.34 -8.84 -11.75
N VAL A 50 -4.56 -8.30 -11.83
CA VAL A 50 -5.60 -8.88 -12.66
C VAL A 50 -5.21 -8.79 -14.13
N TRP A 51 -4.81 -7.60 -14.59
CA TRP A 51 -4.41 -7.39 -15.98
C TRP A 51 -3.27 -8.35 -16.39
N GLN A 52 -2.27 -8.50 -15.54
CA GLN A 52 -1.14 -9.36 -15.89
C GLN A 52 -1.54 -10.83 -15.90
N ALA A 53 -2.43 -11.24 -14.98
CA ALA A 53 -2.93 -12.62 -14.96
C ALA A 53 -3.71 -12.91 -16.25
N GLU A 54 -4.47 -11.92 -16.72
CA GLU A 54 -5.15 -12.02 -18.01
C GLU A 54 -4.17 -12.21 -19.16
N LYS A 55 -3.15 -11.36 -19.21
CA LYS A 55 -2.16 -11.36 -20.30
C LYS A 55 -1.37 -12.67 -20.33
N ASP A 56 -1.06 -13.23 -19.16
CA ASP A 56 -0.30 -14.48 -19.14
C ASP A 56 -1.18 -15.75 -19.14
N GLY A 57 -2.49 -15.56 -19.21
CA GLY A 57 -3.42 -16.68 -19.33
C GLY A 57 -3.77 -17.44 -18.06
N THR A 58 -3.30 -16.95 -16.91
CA THR A 58 -3.59 -17.60 -15.64
C THR A 58 -4.99 -17.24 -15.12
N LEU A 59 -5.53 -16.12 -15.61
CA LEU A 59 -6.90 -15.72 -15.30
C LEU A 59 -7.68 -15.64 -16.61
N THR A 60 -8.78 -16.38 -16.66
CA THR A 60 -9.62 -16.42 -17.85
C THR A 60 -11.08 -16.22 -17.44
N LYS A 61 -11.93 -15.95 -18.42
CA LYS A 61 -13.36 -15.80 -18.16
C LYS A 61 -13.87 -17.01 -17.40
N GLY A 62 -14.63 -16.76 -16.33
CA GLY A 62 -15.23 -17.81 -15.52
C GLY A 62 -14.37 -18.30 -14.37
N LYS A 63 -13.05 -18.06 -14.45
CA LYS A 63 -12.16 -18.36 -13.32
C LYS A 63 -12.47 -17.42 -12.17
N GLU A 64 -12.23 -17.86 -10.93
CA GLU A 64 -12.60 -17.08 -9.77
C GLU A 64 -11.37 -16.67 -8.98
N ILE A 65 -11.33 -15.41 -8.55
CA ILE A 65 -10.24 -14.91 -7.72
C ILE A 65 -10.48 -15.32 -6.26
N VAL A 66 -9.41 -15.75 -5.59
CA VAL A 66 -9.48 -16.07 -4.16
C VAL A 66 -8.33 -15.34 -3.45
N ASP A 67 -8.63 -14.79 -2.28
CA ASP A 67 -7.58 -14.20 -1.45
C ASP A 67 -8.02 -14.16 0.02
N ALA A 68 -7.05 -13.88 0.89
CA ALA A 68 -7.27 -13.82 2.33
C ALA A 68 -6.99 -12.42 2.86
N THR A 69 -7.15 -11.41 2.01
CA THR A 69 -7.04 -10.02 2.47
C THR A 69 -8.40 -9.35 2.53
N SER A 70 -8.68 -8.68 3.64
CA SER A 70 -9.86 -7.83 3.74
C SER A 70 -9.47 -6.38 3.99
N GLY A 71 -8.18 -6.09 3.81
CA GLY A 71 -7.68 -4.73 3.89
C GLY A 71 -7.76 -4.08 2.52
N ASN A 72 -6.91 -3.08 2.29
CA ASN A 72 -6.99 -2.29 1.06
C ASN A 72 -6.83 -3.14 -0.19
N THR A 73 -5.98 -4.17 -0.14
CA THR A 73 -5.83 -5.06 -1.29
C THR A 73 -7.10 -5.84 -1.61
N GLY A 74 -7.77 -6.35 -0.58
CA GLY A 74 -9.04 -7.05 -0.75
C GLY A 74 -10.08 -6.14 -1.37
N ILE A 75 -10.16 -4.91 -0.89
CA ILE A 75 -11.10 -3.92 -1.45
C ILE A 75 -10.77 -3.63 -2.93
N ALA A 76 -9.48 -3.47 -3.22
CA ALA A 76 -8.99 -3.22 -4.57
C ALA A 76 -9.34 -4.38 -5.51
N LEU A 77 -9.02 -5.60 -5.09
CA LEU A 77 -9.38 -6.78 -5.88
C LEU A 77 -10.89 -6.87 -6.10
N ALA A 78 -11.66 -6.52 -5.07
CA ALA A 78 -13.12 -6.54 -5.15
C ALA A 78 -13.65 -5.59 -6.23
N TYR A 79 -13.18 -4.33 -6.25
CA TYR A 79 -13.69 -3.41 -7.30
C TYR A 79 -13.24 -3.87 -8.69
N VAL A 80 -12.02 -4.40 -8.81
CA VAL A 80 -11.52 -4.83 -10.11
C VAL A 80 -12.31 -6.04 -10.60
N ALA A 81 -12.56 -7.00 -9.69
CA ALA A 81 -13.37 -8.19 -10.03
C ALA A 81 -14.73 -7.75 -10.55
N ALA A 82 -15.36 -6.82 -9.82
CA ALA A 82 -16.69 -6.31 -10.22
C ALA A 82 -16.62 -5.61 -11.57
N ALA A 83 -15.64 -4.73 -11.73
CA ALA A 83 -15.46 -3.98 -12.98
C ALA A 83 -15.21 -4.87 -14.19
N ARG A 84 -14.55 -6.01 -13.98
CA ARG A 84 -14.12 -6.87 -15.08
C ARG A 84 -14.88 -8.20 -15.19
N GLY A 85 -15.90 -8.36 -14.33
CA GLY A 85 -16.85 -9.47 -14.45
C GLY A 85 -16.38 -10.79 -13.86
N TYR A 86 -15.43 -10.72 -12.93
CA TYR A 86 -14.97 -11.91 -12.19
C TYR A 86 -15.68 -12.13 -10.89
N LYS A 87 -15.95 -13.40 -10.57
CA LYS A 87 -16.32 -13.73 -9.19
C LYS A 87 -15.07 -13.68 -8.30
N ILE A 88 -15.27 -13.27 -7.06
CA ILE A 88 -14.20 -13.20 -6.08
C ILE A 88 -14.67 -13.70 -4.71
N THR A 89 -13.83 -14.54 -4.11
CA THR A 89 -13.99 -14.99 -2.74
C THR A 89 -12.86 -14.41 -1.90
N LEU A 90 -13.23 -13.76 -0.80
CA LEU A 90 -12.25 -13.32 0.17
C LEU A 90 -12.53 -14.00 1.51
N THR A 91 -11.49 -14.61 2.06
CA THR A 91 -11.55 -15.16 3.41
C THR A 91 -11.10 -14.11 4.44
N MET A 92 -11.64 -14.23 5.65
CA MET A 92 -11.32 -13.31 6.74
C MET A 92 -11.83 -13.87 8.05
N PRO A 93 -11.15 -13.56 9.17
CA PRO A 93 -11.66 -13.96 10.48
C PRO A 93 -13.04 -13.36 10.75
N GLU A 94 -13.91 -14.17 11.35
CA GLU A 94 -15.30 -13.78 11.65
C GLU A 94 -15.42 -12.50 12.50
N THR A 95 -14.33 -12.12 13.15
CA THR A 95 -14.31 -10.98 14.09
C THR A 95 -13.95 -9.64 13.40
N MET A 96 -13.80 -9.67 12.08
CA MET A 96 -13.61 -8.44 11.31
C MET A 96 -14.85 -7.55 11.42
N SER A 97 -14.64 -6.24 11.29
CA SER A 97 -15.70 -5.25 11.53
C SER A 97 -16.89 -5.40 10.59
N LEU A 98 -18.07 -5.01 11.10
CA LEU A 98 -19.29 -5.02 10.30
C LEU A 98 -19.15 -4.09 9.10
N GLU A 99 -18.53 -2.93 9.29
CA GLU A 99 -18.29 -1.97 8.20
C GLU A 99 -17.52 -2.59 7.05
N ARG A 100 -16.46 -3.34 7.37
CA ARG A 100 -15.65 -4.00 6.36
C ARG A 100 -16.40 -5.13 5.63
N LYS A 101 -17.12 -5.96 6.39
CA LYS A 101 -17.99 -6.98 5.79
C LYS A 101 -19.01 -6.34 4.82
N ARG A 102 -19.70 -5.31 5.31
CA ARG A 102 -20.64 -4.52 4.49
C ARG A 102 -20.01 -3.96 3.22
N LEU A 103 -18.85 -3.33 3.34
CA LEU A 103 -18.17 -2.77 2.18
C LEU A 103 -17.90 -3.85 1.14
N LEU A 104 -17.30 -4.96 1.60
CA LEU A 104 -16.92 -6.06 0.71
C LEU A 104 -18.13 -6.73 0.08
N CYS A 105 -19.17 -6.97 0.88
CA CYS A 105 -20.43 -7.49 0.36
C CYS A 105 -21.06 -6.56 -0.68
N GLY A 106 -21.04 -5.26 -0.40
CA GLY A 106 -21.50 -4.25 -1.36
C GLY A 106 -20.82 -4.38 -2.71
N LEU A 107 -19.52 -4.65 -2.71
CA LEU A 107 -18.75 -4.84 -3.95
C LEU A 107 -18.95 -6.21 -4.60
N GLY A 108 -19.80 -7.04 -4.00
CA GLY A 108 -20.17 -8.33 -4.59
C GLY A 108 -19.27 -9.51 -4.22
N VAL A 109 -18.40 -9.30 -3.23
CA VAL A 109 -17.50 -10.36 -2.76
C VAL A 109 -18.27 -11.49 -2.09
N ASN A 110 -17.90 -12.72 -2.41
CA ASN A 110 -18.28 -13.88 -1.62
C ASN A 110 -17.38 -13.94 -0.38
N LEU A 111 -17.91 -13.51 0.77
CA LEU A 111 -17.14 -13.56 2.01
C LEU A 111 -17.19 -14.93 2.66
N VAL A 112 -16.03 -15.48 2.97
CA VAL A 112 -15.92 -16.71 3.74
C VAL A 112 -15.28 -16.35 5.08
N LEU A 113 -16.07 -16.44 6.15
CA LEU A 113 -15.62 -16.09 7.48
C LEU A 113 -14.98 -17.29 8.15
N THR A 114 -13.76 -17.09 8.64
CA THR A 114 -13.00 -18.16 9.26
C THR A 114 -13.01 -17.99 10.78
N GLU A 115 -12.48 -19.00 11.47
CA GLU A 115 -12.53 -19.06 12.93
C GLU A 115 -11.70 -17.95 13.57
N GLY A 116 -12.35 -17.16 14.43
CA GLY A 116 -11.72 -16.06 15.14
C GLY A 116 -10.38 -16.41 15.79
N ALA A 117 -10.36 -17.54 16.49
CA ALA A 117 -9.15 -17.99 17.21
C ALA A 117 -7.93 -18.22 16.32
N LYS A 118 -8.17 -18.52 15.04
CA LYS A 118 -7.08 -18.79 14.10
C LYS A 118 -6.49 -17.53 13.45
N GLY A 119 -7.20 -16.41 13.57
CA GLY A 119 -6.74 -15.11 13.08
C GLY A 119 -6.46 -15.10 11.58
N MET A 120 -5.42 -14.36 11.19
CA MET A 120 -5.02 -14.30 9.79
C MET A 120 -4.49 -15.63 9.27
N LYS A 121 -3.81 -16.38 10.12
CA LYS A 121 -3.28 -17.70 9.77
C LYS A 121 -4.41 -18.60 9.23
N GLY A 122 -5.53 -18.63 9.95
CA GLY A 122 -6.71 -19.41 9.58
C GLY A 122 -7.35 -18.96 8.28
N ALA A 123 -7.49 -17.64 8.10
CA ALA A 123 -7.99 -17.07 6.86
C ALA A 123 -7.10 -17.42 5.65
N ILE A 124 -5.78 -17.35 5.84
CA ILE A 124 -4.81 -17.67 4.79
C ILE A 124 -4.88 -19.17 4.41
N ALA A 125 -4.95 -20.02 5.43
CA ALA A 125 -5.06 -21.47 5.22
C ALA A 125 -6.35 -21.83 4.47
N LYS A 126 -7.46 -21.17 4.82
CA LYS A 126 -8.74 -21.40 4.15
C LYS A 126 -8.70 -20.99 2.66
N ALA A 127 -8.12 -19.82 2.37
CA ALA A 127 -7.92 -19.38 0.99
C ALA A 127 -7.10 -20.40 0.18
N GLU A 128 -5.98 -20.85 0.75
CA GLU A 128 -5.10 -21.85 0.13
C GLU A 128 -5.82 -23.19 -0.09
N GLU A 129 -6.68 -23.53 0.86
CA GLU A 129 -7.52 -24.72 0.84
C GLU A 129 -8.55 -24.69 -0.29
N ILE A 130 -9.25 -23.56 -0.44
CA ILE A 130 -10.21 -23.36 -1.53
C ILE A 130 -9.53 -23.52 -2.89
N VAL A 131 -8.36 -22.89 -3.05
CA VAL A 131 -7.61 -22.96 -4.32
C VAL A 131 -7.15 -24.38 -4.65
N ALA A 132 -6.55 -25.05 -3.66
CA ALA A 132 -6.10 -26.43 -3.81
C ALA A 132 -7.23 -27.42 -4.16
N SER A 133 -8.45 -27.09 -3.72
CA SER A 133 -9.63 -27.95 -3.97
C SER A 133 -10.03 -28.04 -5.45
N ASP A 134 -9.84 -26.94 -6.18
CA ASP A 134 -9.98 -26.93 -7.64
C ASP A 134 -9.07 -25.85 -8.25
N PRO A 135 -7.77 -26.18 -8.43
CA PRO A 135 -6.77 -25.24 -8.96
C PRO A 135 -7.09 -24.65 -10.33
N SER A 136 -7.85 -25.37 -11.16
CA SER A 136 -8.18 -24.87 -12.51
C SER A 136 -9.29 -23.82 -12.46
N ARG A 137 -10.01 -23.80 -11.33
CA ARG A 137 -11.14 -22.89 -11.14
C ARG A 137 -10.71 -21.58 -10.47
N TYR A 138 -9.68 -21.65 -9.63
CA TYR A 138 -9.33 -20.56 -8.71
C TYR A 138 -7.93 -19.98 -8.94
N VAL A 139 -7.80 -18.67 -8.73
CA VAL A 139 -6.53 -17.99 -8.88
CA VAL A 139 -6.54 -17.95 -8.90
C VAL A 139 -6.27 -17.11 -7.65
N MET A 140 -5.11 -17.29 -7.05
CA MET A 140 -4.68 -16.48 -5.91
C MET A 140 -3.50 -15.64 -6.38
N LEU A 141 -3.61 -14.32 -6.24
CA LEU A 141 -2.71 -13.39 -6.93
C LEU A 141 -1.41 -13.04 -6.17
N LYS A 142 -1.42 -13.21 -4.84
CA LYS A 142 -0.21 -13.18 -4.00
C LYS A 142 0.50 -11.84 -4.01
N GLN A 143 -0.13 -10.85 -3.39
CA GLN A 143 0.38 -9.49 -3.46
C GLN A 143 1.81 -9.30 -2.90
N PHE A 144 2.23 -10.16 -1.95
CA PHE A 144 3.59 -10.01 -1.38
C PHE A 144 4.71 -10.43 -2.32
N GLU A 145 4.37 -11.22 -3.34
CA GLU A 145 5.41 -11.73 -4.24
C GLU A 145 5.19 -11.49 -5.74
N ASN A 146 3.98 -11.12 -6.12
CA ASN A 146 3.61 -10.95 -7.50
C ASN A 146 4.31 -9.73 -8.10
N PRO A 147 5.19 -9.92 -9.09
CA PRO A 147 5.97 -8.77 -9.63
C PRO A 147 5.09 -7.70 -10.30
N ALA A 148 3.85 -8.06 -10.63
CA ALA A 148 2.87 -7.09 -11.18
C ALA A 148 2.57 -5.93 -10.20
N ASN A 149 2.82 -6.20 -8.92
CA ASN A 149 2.64 -5.20 -7.86
C ASN A 149 3.72 -4.09 -8.03
N PRO A 150 5.02 -4.39 -7.81
CA PRO A 150 5.95 -3.27 -8.05
C PRO A 150 5.95 -2.75 -9.49
N GLN A 151 5.64 -3.61 -10.46
CA GLN A 151 5.68 -3.19 -11.86
C GLN A 151 4.72 -2.03 -12.14
N ILE A 152 3.51 -2.10 -11.60
CA ILE A 152 2.57 -1.00 -11.84
C ILE A 152 3.08 0.30 -11.22
N HIS A 153 3.79 0.21 -10.10
CA HIS A 153 4.42 1.42 -9.51
C HIS A 153 5.57 1.96 -10.35
N ARG A 154 6.34 1.07 -10.96
CA ARG A 154 7.37 1.49 -11.90
C ARG A 154 6.77 2.20 -13.14
N GLU A 155 5.59 1.77 -13.56
CA GLU A 155 4.97 2.27 -14.79
C GLU A 155 4.11 3.51 -14.62
N THR A 156 3.57 3.69 -13.41
CA THR A 156 2.58 4.74 -13.16
C THR A 156 3.02 5.67 -12.02
N THR A 157 3.08 5.13 -10.81
CA THR A 157 3.32 5.95 -9.61
C THR A 157 4.65 6.71 -9.74
N GLY A 158 5.71 5.99 -10.13
CA GLY A 158 7.04 6.59 -10.30
C GLY A 158 7.06 7.69 -11.36
N PRO A 159 6.65 7.35 -12.59
CA PRO A 159 6.58 8.37 -13.63
C PRO A 159 5.73 9.61 -13.26
N GLU A 160 4.60 9.41 -12.56
CA GLU A 160 3.80 10.55 -12.06
C GLU A 160 4.59 11.47 -11.14
N ILE A 161 5.38 10.89 -10.24
CA ILE A 161 6.25 11.70 -9.37
C ILE A 161 7.30 12.44 -10.18
N TRP A 162 7.94 11.73 -11.11
CA TRP A 162 8.93 12.35 -11.98
C TRP A 162 8.34 13.53 -12.75
N LYS A 163 7.19 13.31 -13.36
CA LYS A 163 6.55 14.33 -14.20
C LYS A 163 6.08 15.52 -13.39
N ASP A 164 5.41 15.26 -12.27
CA ASP A 164 4.80 16.35 -11.50
C ASP A 164 5.84 17.19 -10.77
N THR A 165 7.03 16.64 -10.54
CA THR A 165 8.12 17.40 -9.91
C THR A 165 9.11 17.95 -10.93
N ASP A 166 8.82 17.75 -12.22
CA ASP A 166 9.75 18.17 -13.30
C ASP A 166 11.17 17.62 -13.02
N GLY A 167 11.24 16.38 -12.56
CA GLY A 167 12.50 15.71 -12.22
C GLY A 167 13.24 16.23 -11.00
N LYS A 168 12.58 17.06 -10.20
CA LYS A 168 13.27 17.68 -9.06
C LYS A 168 13.25 16.84 -7.77
N VAL A 169 12.42 15.79 -7.75
CA VAL A 169 12.35 14.90 -6.60
C VAL A 169 13.76 14.44 -6.20
N ASP A 170 14.09 14.57 -4.92
CA ASP A 170 15.37 14.12 -4.37
C ASP A 170 15.28 12.95 -3.39
N VAL A 171 14.12 12.80 -2.76
CA VAL A 171 13.89 11.79 -1.71
C VAL A 171 12.47 11.25 -1.89
N VAL A 172 12.31 9.94 -1.82
CA VAL A 172 10.99 9.33 -1.76
C VAL A 172 10.85 8.61 -0.42
N VAL A 173 9.77 8.90 0.28
CA VAL A 173 9.50 8.28 1.57
C VAL A 173 8.20 7.48 1.48
N ALA A 174 8.28 6.18 1.77
CA ALA A 174 7.10 5.32 1.67
C ALA A 174 7.12 4.22 2.74
N GLY A 175 6.02 4.11 3.47
CA GLY A 175 5.80 2.96 4.33
C GLY A 175 5.84 1.68 3.50
N VAL A 176 6.30 0.59 4.11
CA VAL A 176 6.44 -0.70 3.43
C VAL A 176 5.45 -1.72 4.00
N GLY A 177 4.54 -2.19 3.14
CA GLY A 177 3.64 -3.29 3.43
C GLY A 177 4.11 -4.50 2.63
N THR A 178 3.75 -4.49 1.36
CA THR A 178 4.28 -5.46 0.38
C THR A 178 5.66 -5.04 -0.18
N GLY A 179 6.03 -3.76 -0.01
CA GLY A 179 7.24 -3.23 -0.66
C GLY A 179 7.06 -2.71 -2.07
N GLY A 180 5.91 -3.00 -2.70
CA GLY A 180 5.71 -2.68 -4.10
C GLY A 180 5.88 -1.21 -4.44
N SER A 181 5.35 -0.32 -3.61
CA SER A 181 5.41 1.13 -3.87
C SER A 181 6.84 1.63 -3.87
N ILE A 182 7.56 1.42 -2.78
CA ILE A 182 8.91 1.95 -2.72
C ILE A 182 9.77 1.27 -3.79
N THR A 183 9.56 -0.03 -4.01
CA THR A 183 10.35 -0.74 -5.02
C THR A 183 10.13 -0.17 -6.43
N GLY A 184 8.87 -0.08 -6.85
CA GLY A 184 8.55 0.37 -8.22
C GLY A 184 8.93 1.82 -8.44
N ILE A 185 8.60 2.65 -7.46
CA ILE A 185 8.91 4.08 -7.56
C ILE A 185 10.43 4.28 -7.70
N SER A 186 11.18 3.56 -6.86
CA SER A 186 12.63 3.70 -6.85
C SER A 186 13.24 3.21 -8.15
N ARG A 187 12.76 2.08 -8.65
CA ARG A 187 13.23 1.59 -9.95
C ARG A 187 12.95 2.59 -11.07
N ALA A 188 11.74 3.15 -11.08
CA ALA A 188 11.41 4.18 -12.09
C ALA A 188 12.40 5.35 -12.03
N ILE A 189 12.57 5.93 -10.85
CA ILE A 189 13.31 7.19 -10.76
C ILE A 189 14.83 6.97 -10.93
N LYS A 190 15.37 5.95 -10.26
CA LYS A 190 16.80 5.66 -10.31
C LYS A 190 17.23 5.01 -11.62
N LEU A 191 16.40 4.11 -12.16
CA LEU A 191 16.82 3.30 -13.30
C LEU A 191 16.25 3.86 -14.61
N ASP A 192 14.96 4.13 -14.67
CA ASP A 192 14.34 4.65 -15.91
C ASP A 192 14.65 6.13 -16.14
N PHE A 193 14.67 6.91 -15.07
CA PHE A 193 14.94 8.36 -15.18
C PHE A 193 16.36 8.75 -14.74
N GLY A 194 17.11 7.77 -14.23
CA GLY A 194 18.54 7.95 -14.00
C GLY A 194 18.95 8.89 -12.88
N LYS A 195 18.03 9.21 -11.97
CA LYS A 195 18.35 10.13 -10.88
C LYS A 195 18.66 9.41 -9.56
N GLN A 196 19.78 9.82 -8.96
CA GLN A 196 20.30 9.23 -7.74
C GLN A 196 19.62 9.75 -6.46
N ILE A 197 18.34 9.46 -6.32
CA ILE A 197 17.56 9.91 -5.15
C ILE A 197 17.84 9.07 -3.89
N THR A 198 17.31 9.53 -2.76
CA THR A 198 17.34 8.78 -1.50
C THR A 198 16.00 8.09 -1.33
N SER A 199 16.01 6.75 -1.36
CA SER A 199 14.80 5.95 -1.16
C SER A 199 14.70 5.53 0.32
N VAL A 200 13.61 5.95 0.94
CA VAL A 200 13.42 5.77 2.38
C VAL A 200 12.22 4.86 2.67
N ALA A 201 12.50 3.67 3.19
CA ALA A 201 11.45 2.75 3.66
C ALA A 201 11.03 3.19 5.08
N VAL A 202 9.72 3.11 5.37
CA VAL A 202 9.22 3.41 6.71
C VAL A 202 8.54 2.16 7.30
N GLU A 203 8.86 1.85 8.56
CA GLU A 203 8.28 0.69 9.25
C GLU A 203 7.97 1.05 10.71
N PRO A 204 7.12 0.26 11.38
CA PRO A 204 6.83 0.60 12.77
C PRO A 204 8.00 0.27 13.66
N VAL A 205 8.27 1.17 14.62
CA VAL A 205 9.27 0.89 15.64
C VAL A 205 8.91 -0.40 16.42
N GLU A 206 7.61 -0.72 16.48
CA GLU A 206 7.11 -1.92 17.17
C GLU A 206 7.44 -3.23 16.42
N SER A 207 7.73 -3.13 15.12
CA SER A 207 8.01 -4.33 14.32
C SER A 207 9.06 -3.98 13.26
N PRO A 208 10.30 -3.65 13.71
CA PRO A 208 11.27 -3.04 12.80
C PRO A 208 12.09 -4.08 12.08
N VAL A 209 11.42 -4.94 11.34
CA VAL A 209 12.10 -6.13 10.79
C VAL A 209 13.10 -5.80 9.70
N ILE A 210 12.82 -4.74 8.93
CA ILE A 210 13.78 -4.31 7.90
C ILE A 210 15.07 -3.80 8.57
N SER A 211 14.91 -2.93 9.57
CA SER A 211 16.04 -2.45 10.36
C SER A 211 16.84 -3.59 10.99
N GLN A 212 16.16 -4.52 11.64
CA GLN A 212 16.84 -5.65 12.29
C GLN A 212 17.58 -6.49 11.26
N THR A 213 16.91 -6.82 10.16
CA THR A 213 17.54 -7.59 9.07
C THR A 213 18.83 -6.91 8.57
N LEU A 214 18.74 -5.64 8.23
CA LEU A 214 19.87 -4.95 7.62
C LEU A 214 21.03 -4.79 8.60
N ALA A 215 20.69 -4.82 9.89
CA ALA A 215 21.68 -4.70 10.97
C ALA A 215 22.28 -6.07 11.36
N GLY A 216 21.74 -7.14 10.77
CA GLY A 216 22.12 -8.50 11.16
C GLY A 216 21.70 -8.90 12.57
N GLU A 217 20.63 -8.27 13.07
CA GLU A 217 20.11 -8.55 14.41
C GLU A 217 18.94 -9.52 14.34
N GLU A 218 18.57 -10.12 15.48
CA GLU A 218 17.45 -11.04 15.50
C GLU A 218 16.19 -10.33 15.04
N VAL A 219 15.45 -10.97 14.14
CA VAL A 219 14.18 -10.42 13.63
C VAL A 219 13.08 -10.72 14.65
N LYS A 220 12.52 -9.65 15.22
CA LYS A 220 11.50 -9.76 16.28
C LYS A 220 10.30 -8.92 15.89
N PRO A 221 9.37 -9.50 15.12
CA PRO A 221 8.18 -8.72 14.81
C PRO A 221 7.34 -8.47 16.05
N GLY A 222 6.47 -7.47 15.99
CA GLY A 222 5.56 -7.14 17.08
C GLY A 222 4.28 -6.49 16.56
N PRO A 223 3.24 -6.44 17.43
CA PRO A 223 1.99 -5.80 17.08
C PRO A 223 2.08 -4.27 17.06
N HIS A 224 1.26 -3.65 16.21
CA HIS A 224 1.26 -2.21 16.06
C HIS A 224 -0.07 -1.78 15.45
N LYS A 225 -0.32 -0.48 15.39
CA LYS A 225 -1.60 0.00 14.90
C LYS A 225 -1.51 0.70 13.55
N ILE A 226 -0.33 0.63 12.91
CA ILE A 226 -0.13 1.35 11.65
C ILE A 226 -0.61 0.47 10.50
N GLN A 227 -1.93 0.42 10.32
CA GLN A 227 -2.54 -0.44 9.28
C GLN A 227 -1.92 -0.24 7.91
N GLY A 228 -1.54 -1.36 7.28
CA GLY A 228 -1.06 -1.32 5.91
C GLY A 228 0.45 -1.54 5.79
N ILE A 229 1.17 -1.33 6.89
CA ILE A 229 2.62 -1.54 6.94
C ILE A 229 3.03 -2.51 8.07
N GLY A 230 4.32 -2.80 8.18
CA GLY A 230 4.83 -3.65 9.26
C GLY A 230 4.25 -5.06 9.22
N ALA A 231 4.43 -5.76 8.10
CA ALA A 231 3.90 -7.12 7.93
C ALA A 231 4.59 -8.18 8.81
N GLY A 232 5.74 -7.83 9.38
CA GLY A 232 6.48 -8.73 10.29
C GLY A 232 7.47 -9.69 9.62
N PHE A 233 7.68 -9.50 8.32
CA PHE A 233 8.68 -10.23 7.55
C PHE A 233 9.13 -9.36 6.39
N ILE A 234 10.16 -9.79 5.68
CA ILE A 234 10.68 -9.08 4.50
C ILE A 234 9.94 -9.63 3.28
N PRO A 235 9.07 -8.82 2.66
CA PRO A 235 8.32 -9.38 1.53
C PRO A 235 9.17 -9.48 0.26
N LYS A 236 8.83 -10.42 -0.60
CA LYS A 236 9.55 -10.59 -1.86
C LYS A 236 9.50 -9.34 -2.73
N ASN A 237 8.42 -8.58 -2.61
CA ASN A 237 8.27 -7.33 -3.39
C ASN A 237 8.95 -6.11 -2.77
N LEU A 238 9.74 -6.32 -1.72
CA LEU A 238 10.61 -5.26 -1.22
C LEU A 238 12.02 -5.51 -1.77
N ASP A 239 12.47 -4.62 -2.66
CA ASP A 239 13.81 -4.73 -3.25
C ASP A 239 14.80 -3.96 -2.34
N LEU A 240 15.42 -4.69 -1.41
CA LEU A 240 16.33 -4.08 -0.44
C LEU A 240 17.49 -3.39 -1.15
N SER A 241 17.84 -3.87 -2.34
CA SER A 241 18.94 -3.28 -3.13
C SER A 241 18.79 -1.80 -3.42
N ILE A 242 17.53 -1.32 -3.54
CA ILE A 242 17.26 0.09 -3.85
C ILE A 242 16.89 0.93 -2.65
N ILE A 243 16.90 0.34 -1.46
CA ILE A 243 16.58 1.08 -0.25
C ILE A 243 17.85 1.73 0.33
N ASP A 244 17.80 3.04 0.52
CA ASP A 244 18.96 3.78 1.06
C ASP A 244 18.93 3.99 2.57
N ARG A 245 17.72 4.15 3.10
CA ARG A 245 17.54 4.48 4.50
C ARG A 245 16.25 3.80 4.98
N VAL A 246 16.23 3.43 6.26
CA VAL A 246 14.99 2.92 6.87
C VAL A 246 14.67 3.77 8.09
N GLU A 247 13.45 4.33 8.15
CA GLU A 247 13.02 5.12 9.30
C GLU A 247 11.92 4.39 10.06
N THR A 248 12.04 4.39 11.37
CA THR A 248 11.03 3.75 12.20
C THR A 248 10.18 4.84 12.84
N VAL A 249 8.89 4.56 12.94
CA VAL A 249 7.94 5.50 13.52
C VAL A 249 6.99 4.71 14.44
N ASP A 250 6.63 5.29 15.58
CA ASP A 250 5.75 4.57 16.51
C ASP A 250 4.26 4.84 16.20
N SER A 251 3.38 3.94 16.67
CA SER A 251 1.95 4.01 16.35
C SER A 251 1.31 5.32 16.82
N ASP A 252 1.61 5.73 18.06
CA ASP A 252 1.02 6.96 18.61
C ASP A 252 1.38 8.15 17.75
N THR A 253 2.66 8.25 17.39
CA THR A 253 3.12 9.35 16.53
C THR A 253 2.48 9.32 15.14
N ALA A 254 2.34 8.12 14.56
CA ALA A 254 1.66 7.95 13.27
C ALA A 254 0.23 8.49 13.35
N LEU A 255 -0.47 8.13 14.42
CA LEU A 255 -1.86 8.59 14.62
C LEU A 255 -1.92 10.11 14.82
N ALA A 256 -1.04 10.64 15.67
CA ALA A 256 -1.01 12.08 15.96
C ALA A 256 -0.73 12.84 14.66
N THR A 257 0.19 12.31 13.88
CA THR A 257 0.57 12.95 12.61
C THR A 257 -0.59 12.97 11.60
N ALA A 258 -1.28 11.83 11.47
CA ALA A 258 -2.45 11.78 10.61
C ALA A 258 -3.53 12.80 11.06
N ARG A 259 -3.71 12.93 12.38
CA ARG A 259 -4.65 13.91 12.92
C ARG A 259 -4.24 15.33 12.57
N ARG A 260 -2.93 15.61 12.60
CA ARG A 260 -2.39 16.91 12.20
C ARG A 260 -2.61 17.18 10.72
N LEU A 261 -2.42 16.16 9.89
CA LEU A 261 -2.66 16.31 8.45
C LEU A 261 -4.09 16.78 8.19
N MET A 262 -5.03 16.19 8.92
CA MET A 262 -6.44 16.55 8.78
C MET A 262 -6.66 17.97 9.25
N ALA A 263 -6.27 18.26 10.49
CA ALA A 263 -6.62 19.54 11.12
C ALA A 263 -5.79 20.75 10.68
N GLU A 264 -4.51 20.53 10.35
CA GLU A 264 -3.61 21.63 9.99
C GLU A 264 -3.43 21.79 8.48
N GLU A 265 -3.63 20.70 7.73
CA GLU A 265 -3.43 20.76 6.27
C GLU A 265 -4.71 20.53 5.47
N GLY A 266 -5.76 20.06 6.11
CA GLY A 266 -7.01 19.70 5.41
C GLY A 266 -6.80 18.55 4.45
N ILE A 267 -5.93 17.62 4.84
CA ILE A 267 -5.67 16.40 4.08
C ILE A 267 -6.21 15.21 4.87
N LEU A 268 -7.16 14.50 4.27
CA LEU A 268 -7.83 13.38 4.90
C LEU A 268 -7.00 12.13 4.71
N ALA A 269 -5.97 12.04 5.54
CA ALA A 269 -4.95 11.00 5.50
C ALA A 269 -5.29 9.81 6.41
N GLY A 270 -4.85 8.62 6.00
CA GLY A 270 -4.98 7.43 6.82
C GLY A 270 -3.83 7.31 7.81
N ILE A 271 -3.92 6.29 8.67
CA ILE A 271 -2.92 6.07 9.71
C ILE A 271 -1.49 5.95 9.16
N SER A 272 -1.30 5.11 8.14
CA SER A 272 0.05 4.88 7.61
C SER A 272 0.60 6.15 6.92
N SER A 273 -0.32 7.01 6.46
CA SER A 273 0.08 8.29 5.86
C SER A 273 0.72 9.17 6.94
N GLY A 274 0.17 9.11 8.16
CA GLY A 274 0.75 9.82 9.30
C GLY A 274 2.15 9.30 9.60
N ALA A 275 2.32 7.97 9.53
CA ALA A 275 3.63 7.35 9.73
C ALA A 275 4.64 7.87 8.69
N ALA A 276 4.25 7.86 7.41
CA ALA A 276 5.18 8.29 6.35
C ALA A 276 5.57 9.77 6.48
N VAL A 277 4.59 10.63 6.75
CA VAL A 277 4.87 12.06 6.99
C VAL A 277 5.74 12.28 8.23
N ALA A 278 5.50 11.52 9.30
CA ALA A 278 6.35 11.66 10.50
C ALA A 278 7.83 11.37 10.18
N ALA A 279 8.06 10.29 9.42
CA ALA A 279 9.42 9.95 8.97
C ALA A 279 10.00 11.05 8.05
N ALA A 280 9.18 11.54 7.12
CA ALA A 280 9.61 12.58 6.18
C ALA A 280 9.94 13.89 6.89
N ASP A 281 9.15 14.27 7.90
CA ASP A 281 9.39 15.51 8.64
C ASP A 281 10.74 15.45 9.39
N ARG A 282 11.06 14.26 9.92
CA ARG A 282 12.33 14.02 10.60
C ARG A 282 13.49 14.26 9.62
N LEU A 283 13.42 13.67 8.43
CA LEU A 283 14.47 13.92 7.43
C LEU A 283 14.48 15.38 6.97
N ALA A 284 13.30 16.00 6.82
CA ALA A 284 13.17 17.34 6.24
C ALA A 284 13.81 18.42 7.12
N LYS A 285 13.99 18.08 8.39
CA LYS A 285 14.53 19.03 9.35
C LYS A 285 16.00 18.75 9.69
N LEU A 286 16.61 17.86 8.89
CA LEU A 286 18.06 17.67 8.86
C LEU A 286 18.68 18.63 7.85
N PRO A 287 19.70 19.41 8.26
CA PRO A 287 20.37 20.31 7.28
C PRO A 287 20.78 19.66 5.95
N GLU A 288 21.12 18.37 5.97
CA GLU A 288 21.48 17.69 4.73
C GLU A 288 20.33 17.66 3.72
N PHE A 289 19.09 17.79 4.20
CA PHE A 289 17.92 17.81 3.30
C PHE A 289 17.25 19.19 3.16
N ALA A 290 17.96 20.25 3.56
CA ALA A 290 17.42 21.61 3.53
C ALA A 290 17.00 22.02 2.13
N ASP A 291 17.82 21.69 1.14
CA ASP A 291 17.43 22.15 -0.19
C ASP A 291 16.91 21.04 -1.10
N LYS A 292 16.32 20.01 -0.49
CA LYS A 292 15.97 18.78 -1.23
C LYS A 292 14.49 18.55 -1.23
N LEU A 293 13.95 18.11 -2.36
CA LEU A 293 12.50 17.91 -2.48
C LEU A 293 12.13 16.48 -2.05
N ILE A 294 11.35 16.41 -0.97
CA ILE A 294 10.95 15.13 -0.38
C ILE A 294 9.51 14.82 -0.75
N VAL A 295 9.31 13.69 -1.45
CA VAL A 295 7.97 13.26 -1.86
C VAL A 295 7.55 12.07 -1.01
N VAL A 296 6.37 12.16 -0.42
CA VAL A 296 5.88 11.17 0.55
C VAL A 296 4.59 10.51 0.05
N ILE A 297 4.53 9.18 0.06
CA ILE A 297 3.31 8.49 -0.38
C ILE A 297 2.32 8.46 0.78
N LEU A 298 1.09 8.92 0.50
CA LEU A 298 0.00 8.80 1.47
C LEU A 298 -0.97 7.72 0.97
N PRO A 299 -0.82 6.48 1.46
CA PRO A 299 -1.51 5.32 0.84
C PRO A 299 -3.03 5.26 0.87
N SER A 300 -3.67 5.97 1.81
CA SER A 300 -5.13 5.82 1.99
C SER A 300 -5.77 7.04 2.64
N ALA A 301 -7.10 7.01 2.77
CA ALA A 301 -7.87 8.19 3.21
C ALA A 301 -8.62 7.99 4.54
N SER A 302 -8.92 9.11 5.21
CA SER A 302 -9.36 9.10 6.63
C SER A 302 -10.65 8.32 6.92
N GLU A 303 -11.63 8.38 6.01
CA GLU A 303 -12.95 7.79 6.33
C GLU A 303 -12.92 6.27 6.51
N ARG A 304 -11.93 5.63 5.92
CA ARG A 304 -11.71 4.19 6.07
C ARG A 304 -11.27 3.82 7.51
N TYR A 305 -11.00 4.85 8.31
CA TYR A 305 -10.47 4.68 9.67
C TYR A 305 -11.35 5.30 10.77
N LEU A 306 -12.59 5.59 10.43
CA LEU A 306 -13.50 6.25 11.38
C LEU A 306 -13.78 5.43 12.66
N SER A 307 -13.65 4.10 12.56
CA SER A 307 -13.89 3.22 13.71
C SER A 307 -12.59 2.85 14.45
N THR A 308 -11.49 3.53 14.11
CA THR A 308 -10.19 3.19 14.67
C THR A 308 -9.71 4.23 15.67
N ALA A 309 -8.53 3.99 16.24
CA ALA A 309 -7.87 4.94 17.13
C ALA A 309 -7.64 6.32 16.51
N LEU A 310 -7.70 6.43 15.18
CA LEU A 310 -7.49 7.73 14.50
C LEU A 310 -8.51 8.78 14.97
N PHE A 311 -9.75 8.34 15.16
CA PHE A 311 -10.84 9.23 15.54
C PHE A 311 -11.38 8.96 16.95
N ASN B 2 0.72 -6.57 11.13
CA ASN B 2 -0.19 -7.62 10.60
C ASN B 2 -0.26 -7.64 9.06
N GLU B 3 -0.47 -8.84 8.52
CA GLU B 3 -0.46 -9.07 7.07
C GLU B 3 -1.81 -8.89 6.36
N ASN B 4 -2.81 -8.38 7.07
CA ASN B 4 -4.10 -8.04 6.44
C ASN B 4 -4.01 -6.70 5.70
N ILE B 5 -3.20 -6.70 4.66
CA ILE B 5 -2.84 -5.52 3.90
C ILE B 5 -3.65 -5.52 2.61
#